data_4PED
#
_entry.id   4PED
#
_cell.length_a   148.671
_cell.length_b   54.557
_cell.length_c   45.009
_cell.angle_alpha   90.00
_cell.angle_beta   94.00
_cell.angle_gamma   90.00
#
_symmetry.space_group_name_H-M   'C 1 2 1'
#
loop_
_entity.id
_entity.type
_entity.pdbx_description
1 polymer 'Chaperone activity of bc1 complex-like, mitochondrial'
2 non-polymer 'SULFATE ION'
3 water water
#
_entity_poly.entity_id   1
_entity_poly.type   'polypeptide(L)'
_entity_poly.pdbx_seq_one_letter_code
;SSEANAERIVRTLCKVRGAALKLGQ(MSE)LSIQDDAFINPHLAKIFERVRQSADF(MSE)PLKQ(MSE)(MSE)KTLNN
DLGPNWRDKLEYFEERPFAAASIGQVHLAR(MSE)KGGREVA(MSE)KIQYPGVAQSINSDVNNL(MSE)AVLN(MSE)S
N(MSE)LPEGLFPEHLIDVLRRELALECDYQREAACARKFRDLLKGHPFFYVPEIVDELCSPHVLTTELVSGFPLDQAEG
LSQEIRNEICYNILVLCLRELFEFHF(MSE)QTDPNWSNFFYDPQQHKVALLDFGATREYDRSFTDLYIQIIRAAADRDR
ETVRAKSIE(MSE)KFLTGYEVKV(MSE)EDAHLDAILILGEAFASDEPFDFGTQSTTEKIHNLIPV(MSE)LRHRLVPP
PEETYSLHRK(MSE)GGSFLICSKLKARFPCKA(MSE)FEEAYSNYCKRQAQQ
;
_entity_poly.pdbx_strand_id   A
#
loop_
_chem_comp.id
_chem_comp.type
_chem_comp.name
_chem_comp.formula
SO4 non-polymer 'SULFATE ION' 'O4 S -2'
#
# COMPACT_ATOMS: atom_id res chain seq x y z
N ALA A 4 -18.48 11.86 -15.76
CA ALA A 4 -18.84 12.69 -14.59
C ALA A 4 -17.80 13.80 -14.39
N ASN A 5 -18.20 14.95 -13.85
CA ASN A 5 -17.25 16.09 -13.67
C ASN A 5 -16.18 15.88 -12.60
N ALA A 6 -14.92 16.02 -12.98
CA ALA A 6 -13.83 15.68 -12.06
C ALA A 6 -13.74 16.52 -10.78
N GLU A 7 -13.78 17.85 -10.87
CA GLU A 7 -13.51 18.66 -9.67
C GLU A 7 -14.65 18.53 -8.64
N ARG A 8 -15.87 18.29 -9.12
CA ARG A 8 -17.01 17.99 -8.25
C ARG A 8 -16.76 16.70 -7.42
N ILE A 9 -16.31 15.65 -8.09
CA ILE A 9 -15.93 14.41 -7.41
C ILE A 9 -14.76 14.66 -6.44
N VAL A 10 -13.74 15.40 -6.89
CA VAL A 10 -12.59 15.71 -6.03
C VAL A 10 -13.04 16.42 -4.75
N ARG A 11 -13.91 17.41 -4.90
CA ARG A 11 -14.40 18.15 -3.76
C ARG A 11 -15.13 17.23 -2.78
N THR A 12 -15.98 16.35 -3.29
CA THR A 12 -16.69 15.44 -2.39
C THR A 12 -15.76 14.41 -1.77
N LEU A 13 -14.84 13.84 -2.54
CA LEU A 13 -13.83 12.94 -1.95
C LEU A 13 -12.94 13.61 -0.89
N CYS A 14 -12.62 14.89 -1.07
CA CYS A 14 -11.82 15.57 -0.04
C CYS A 14 -12.49 15.60 1.34
N LYS A 15 -13.84 15.62 1.41
CA LYS A 15 -14.52 15.60 2.72
C LYS A 15 -14.32 14.26 3.44
N VAL A 16 -14.03 13.22 2.67
CA VAL A 16 -13.73 11.90 3.21
C VAL A 16 -12.36 11.39 2.72
N ARG A 17 -11.37 12.27 2.74
CA ARG A 17 -10.11 11.99 2.06
C ARG A 17 -9.38 10.79 2.69
N GLY A 18 -9.50 10.61 4.00
CA GLY A 18 -8.86 9.50 4.67
C GLY A 18 -9.34 8.18 4.14
N ALA A 19 -10.67 8.04 4.08
CA ALA A 19 -11.26 6.83 3.57
C ALA A 19 -10.92 6.65 2.07
N ALA A 20 -11.04 7.73 1.31
CA ALA A 20 -10.78 7.67 -0.13
C ALA A 20 -9.36 7.18 -0.44
N LEU A 21 -8.36 7.84 0.12
CA LEU A 21 -6.98 7.51 -0.14
C LEU A 21 -6.61 6.12 0.36
N LYS A 22 -7.14 5.72 1.51
CA LYS A 22 -6.90 4.36 2.02
C LYS A 22 -7.47 3.33 1.04
N LEU A 23 -8.68 3.56 0.57
CA LEU A 23 -9.26 2.64 -0.40
C LEU A 23 -8.42 2.61 -1.68
N GLY A 24 -7.94 3.78 -2.10
CA GLY A 24 -7.02 3.88 -3.22
C GLY A 24 -5.80 2.99 -3.11
N GLN A 25 -5.22 2.95 -1.92
CA GLN A 25 -4.07 2.11 -1.64
C GLN A 25 -4.46 0.63 -1.72
N MSE A 26 -5.61 0.27 -1.19
CA MSE A 26 -6.06 -1.12 -1.18
C MSE A 26 -6.40 -1.61 -2.60
O MSE A 26 -6.16 -2.78 -2.92
CB MSE A 26 -7.28 -1.30 -0.26
CG MSE A 26 -6.95 -1.03 1.20
SE MSE A 26 -8.60 -0.79 2.26
CE MSE A 26 -9.53 -2.37 1.62
H MSE A 26 -6.15 0.82 -0.80
HA MSE A 26 -5.34 -1.67 -0.83
N LEU A 27 -6.94 -0.73 -3.44
CA LEU A 27 -7.36 -1.11 -4.80
C LEU A 27 -6.33 -0.81 -5.86
N SER A 28 -5.18 -0.27 -5.45
CA SER A 28 -4.14 0.18 -6.37
C SER A 28 -4.68 1.15 -7.45
N ILE A 29 -5.39 2.18 -6.99
CA ILE A 29 -5.87 3.23 -7.86
CA ILE A 29 -5.87 3.23 -7.86
C ILE A 29 -4.69 4.12 -8.18
N GLN A 30 -4.25 4.09 -9.43
CA GLN A 30 -3.05 4.77 -9.86
C GLN A 30 -3.11 4.88 -11.39
N ASP A 31 -2.25 5.71 -11.97
CA ASP A 31 -2.19 5.88 -13.40
C ASP A 31 -1.36 4.76 -14.02
N ASP A 32 -1.99 3.61 -14.26
CA ASP A 32 -1.35 2.50 -14.95
C ASP A 32 -2.20 2.09 -16.15
N ALA A 33 -1.87 0.94 -16.75
CA ALA A 33 -2.56 0.53 -17.98
C ALA A 33 -4.06 0.13 -17.82
N PHE A 34 -4.56 0.11 -16.59
CA PHE A 34 -5.85 -0.55 -16.33
C PHE A 34 -6.88 0.40 -15.75
N ILE A 35 -6.46 1.23 -14.79
CA ILE A 35 -7.37 2.09 -14.07
C ILE A 35 -7.89 3.18 -15.02
N ASN A 36 -9.16 3.53 -14.89
CA ASN A 36 -9.75 4.66 -15.62
C ASN A 36 -8.87 5.91 -15.45
N PRO A 37 -8.36 6.46 -16.56
CA PRO A 37 -7.42 7.58 -16.38
C PRO A 37 -8.05 8.80 -15.65
N HIS A 38 -9.34 9.03 -15.88
CA HIS A 38 -10.04 10.10 -15.15
C HIS A 38 -10.05 9.83 -13.66
N LEU A 39 -10.21 8.57 -13.28
CA LEU A 39 -10.21 8.19 -11.86
C LEU A 39 -8.84 8.37 -11.24
N ALA A 40 -7.79 7.93 -11.95
CA ALA A 40 -6.44 8.08 -11.46
C ALA A 40 -6.13 9.58 -11.23
N LYS A 41 -6.55 10.42 -12.17
CA LYS A 41 -6.26 11.85 -12.06
C LYS A 41 -6.99 12.49 -10.88
N ILE A 42 -8.23 12.05 -10.68
CA ILE A 42 -9.04 12.49 -9.54
C ILE A 42 -8.35 12.11 -8.23
N PHE A 43 -7.87 10.88 -8.12
CA PHE A 43 -7.18 10.49 -6.91
C PHE A 43 -5.88 11.27 -6.71
N GLU A 44 -5.14 11.59 -7.78
CA GLU A 44 -3.97 12.46 -7.65
C GLU A 44 -4.35 13.83 -7.11
N ARG A 45 -5.44 14.37 -7.65
CA ARG A 45 -5.94 15.65 -7.18
C ARG A 45 -6.34 15.63 -5.70
N VAL A 46 -6.98 14.54 -5.26
CA VAL A 46 -7.35 14.41 -3.86
C VAL A 46 -6.06 14.43 -3.00
N ARG A 47 -5.03 13.70 -3.41
CA ARG A 47 -3.76 13.69 -2.68
C ARG A 47 -3.20 15.10 -2.56
N GLN A 48 -3.08 15.76 -3.71
CA GLN A 48 -2.47 17.09 -3.67
C GLN A 48 -3.35 18.12 -2.96
N SER A 49 -4.66 17.83 -2.82
CA SER A 49 -5.59 18.77 -2.19
C SER A 49 -5.45 18.78 -0.67
N ALA A 50 -4.46 18.06 -0.16
CA ALA A 50 -4.12 18.19 1.26
C ALA A 50 -3.74 19.67 1.50
N ASP A 51 -3.28 20.33 0.44
CA ASP A 51 -2.91 21.74 0.48
C ASP A 51 -4.08 22.61 0.93
N PHE A 52 -5.29 22.15 0.62
CA PHE A 52 -6.52 22.91 0.80
C PHE A 52 -7.27 22.57 2.09
N MSE A 53 -6.78 21.60 2.86
CA MSE A 53 -7.45 21.20 4.08
CA MSE A 53 -7.45 21.20 4.10
C MSE A 53 -7.22 22.25 5.19
O MSE A 53 -6.11 22.74 5.37
CB MSE A 53 -6.99 19.80 4.49
CB MSE A 53 -6.97 19.84 4.59
CG MSE A 53 -7.05 18.79 3.33
CG MSE A 53 -7.19 19.61 6.09
SE MSE A 53 -8.87 18.55 2.65
SE MSE A 53 -8.69 18.45 6.51
CE MSE A 53 -9.76 18.40 4.37
CE MSE A 53 -9.41 18.26 4.72
H MSE A 53 -6.06 21.16 2.70
HA MSE A 53 -8.41 21.14 3.91
N PRO A 54 -8.28 22.60 5.94
CA PRO A 54 -8.21 23.67 6.94
C PRO A 54 -7.05 23.61 7.93
N LEU A 55 -6.32 24.72 7.93
CA LEU A 55 -5.36 25.08 8.96
C LEU A 55 -5.71 24.55 10.36
N LYS A 56 -6.88 24.92 10.84
CA LYS A 56 -7.15 24.85 12.25
C LYS A 56 -7.56 23.44 12.63
N GLN A 57 -7.85 22.62 11.63
CA GLN A 57 -7.97 21.18 11.84
C GLN A 57 -6.61 20.61 12.30
N MSE A 58 -5.52 20.93 11.58
CA MSE A 58 -4.19 20.47 11.99
C MSE A 58 -3.91 20.89 13.44
O MSE A 58 -3.57 20.08 14.29
CB MSE A 58 -3.06 21.03 11.09
CG MSE A 58 -2.70 20.30 9.78
SE MSE A 58 -3.12 18.39 9.61
CE MSE A 58 -4.92 18.80 9.25
H MSE A 58 -5.54 21.40 10.86
HA MSE A 58 -4.15 19.49 11.93
HB2 MSE A 58 -3.32 21.94 10.84
HB3 MSE A 58 -2.25 21.06 11.62
HG2 MSE A 58 -3.17 20.75 9.06
HG3 MSE A 58 -1.75 20.39 9.64
HE1 MSE A 58 -5.41 17.97 9.11
HE2 MSE A 58 -5.29 19.28 10.01
HE3 MSE A 58 -4.97 19.34 8.45
N MSE A 59 -4.09 22.17 13.73
CA MSE A 59 -3.70 22.69 15.03
C MSE A 59 -4.59 22.13 16.18
O MSE A 59 -4.13 22.02 17.32
CB MSE A 59 -3.72 24.21 15.01
CG MSE A 59 -2.58 24.79 14.15
SE MSE A 59 -2.31 26.68 14.44
CE MSE A 59 -4.05 27.33 13.85
H MSE A 59 -4.42 22.76 13.19
HA MSE A 59 -2.78 22.42 15.20
HB2 MSE A 59 -4.56 24.52 14.63
HB3 MSE A 59 -3.62 24.54 15.90
HG2 MSE A 59 -1.76 24.33 14.37
HG3 MSE A 59 -2.80 24.66 13.21
HE1 MSE A 59 -4.07 28.30 13.93
HE2 MSE A 59 -4.18 27.08 12.92
HE3 MSE A 59 -4.73 26.94 14.41
N LYS A 60 -5.83 21.76 15.85
CA LYS A 60 -6.67 21.00 16.77
C LYS A 60 -5.93 19.74 17.21
N THR A 61 -5.51 18.94 16.25
CA THR A 61 -4.84 17.68 16.56
C THR A 61 -3.57 17.97 17.40
N LEU A 62 -2.77 18.95 17.00
CA LEU A 62 -1.52 19.25 17.71
C LEU A 62 -1.76 19.73 19.13
N ASN A 63 -2.78 20.59 19.26
CA ASN A 63 -3.28 21.04 20.56
C ASN A 63 -3.69 19.86 21.43
N ASN A 64 -4.60 19.04 20.92
CA ASN A 64 -5.13 17.93 21.70
C ASN A 64 -4.03 16.95 22.09
N ASP A 65 -3.04 16.77 21.21
CA ASP A 65 -2.09 15.67 21.37
C ASP A 65 -0.86 16.05 22.15
N LEU A 66 -0.25 17.20 21.85
CA LEU A 66 0.79 17.68 22.74
C LEU A 66 0.54 19.12 23.20
N GLY A 67 -0.74 19.46 23.37
CA GLY A 67 -1.13 20.62 24.14
C GLY A 67 -0.80 21.93 23.47
N PRO A 68 -1.11 23.05 24.14
CA PRO A 68 -0.47 24.32 23.80
C PRO A 68 1.01 24.11 23.99
N ASN A 69 1.86 24.95 23.39
CA ASN A 69 3.26 24.62 23.22
C ASN A 69 3.33 23.31 22.47
N TRP A 70 3.66 23.47 21.22
CA TRP A 70 4.35 22.45 20.45
C TRP A 70 5.26 23.28 19.62
N ARG A 71 4.71 24.41 19.14
CA ARG A 71 5.44 25.38 18.37
C ARG A 71 6.76 25.68 19.06
N ASP A 72 6.71 25.70 20.40
CA ASP A 72 7.88 25.91 21.23
C ASP A 72 9.00 24.90 20.97
N LYS A 73 8.68 23.75 20.38
CA LYS A 73 9.75 22.82 20.02
C LYS A 73 10.47 23.16 18.74
N LEU A 74 9.86 24.00 17.92
CA LEU A 74 10.26 24.18 16.53
C LEU A 74 10.85 25.57 16.21
N GLU A 75 11.90 25.59 15.40
CA GLU A 75 12.35 26.78 14.67
C GLU A 75 11.39 27.15 13.54
N TYR A 76 10.80 26.13 12.93
CA TYR A 76 10.03 26.29 11.71
C TYR A 76 8.98 25.21 11.63
N PHE A 77 7.75 25.59 11.28
CA PHE A 77 6.69 24.62 10.99
C PHE A 77 6.06 24.99 9.64
N GLU A 78 6.25 24.15 8.63
CA GLU A 78 5.67 24.42 7.30
C GLU A 78 4.17 24.12 7.33
N GLU A 79 3.35 25.12 7.07
CA GLU A 79 1.91 25.01 7.25
C GLU A 79 1.22 24.30 6.09
N ARG A 80 1.90 24.20 4.94
CA ARG A 80 1.40 23.42 3.81
C ARG A 80 2.03 22.04 3.87
N PRO A 81 1.23 20.97 3.89
CA PRO A 81 1.88 19.65 3.91
C PRO A 81 2.64 19.35 2.61
N PHE A 82 3.67 18.51 2.65
CA PHE A 82 4.38 18.15 1.41
C PHE A 82 3.96 16.78 0.90
N ALA A 83 3.21 16.03 1.70
CA ALA A 83 2.68 14.75 1.29
C ALA A 83 1.39 14.43 2.02
N ALA A 84 0.59 13.59 1.39
CA ALA A 84 -0.61 12.99 2.01
C ALA A 84 -0.35 11.57 2.45
N ALA A 85 -1.02 11.16 3.52
CA ALA A 85 -0.93 9.81 4.06
C ALA A 85 -2.32 9.40 4.59
N SER A 86 -3.22 9.13 3.64
CA SER A 86 -4.63 8.81 3.91
C SER A 86 -5.25 9.68 5.02
N ILE A 87 -5.33 9.17 6.25
CA ILE A 87 -6.03 9.89 7.31
C ILE A 87 -5.21 11.01 7.96
N GLY A 88 -4.03 11.27 7.39
CA GLY A 88 -3.20 12.37 7.87
C GLY A 88 -2.45 13.02 6.72
N GLN A 89 -1.69 14.06 7.04
CA GLN A 89 -0.82 14.67 6.04
C GLN A 89 0.49 14.98 6.71
N VAL A 90 1.54 15.09 5.90
CA VAL A 90 2.89 15.19 6.43
C VAL A 90 3.46 16.59 6.23
N HIS A 91 3.92 17.20 7.34
CA HIS A 91 4.48 18.55 7.33
C HIS A 91 5.95 18.55 7.64
N LEU A 92 6.70 19.34 6.89
CA LEU A 92 8.10 19.62 7.22
C LEU A 92 8.18 20.55 8.43
N ALA A 93 9.05 20.21 9.38
CA ALA A 93 9.37 21.10 10.48
C ALA A 93 10.87 21.08 10.77
N ARG A 94 11.31 22.05 11.56
CA ARG A 94 12.68 22.11 12.03
C ARG A 94 12.59 22.29 13.53
N MSE A 95 13.18 21.38 14.29
CA MSE A 95 13.09 21.48 15.74
C MSE A 95 13.93 22.66 16.26
O MSE A 95 14.86 23.10 15.58
CB MSE A 95 13.54 20.17 16.41
CG MSE A 95 12.50 19.07 16.41
SE MSE A 95 13.33 17.45 16.86
CE MSE A 95 12.85 17.35 18.74
H MSE A 95 13.63 20.72 14.00
HA MSE A 95 12.16 21.62 15.99
N LYS A 96 13.59 23.15 17.46
CA LYS A 96 14.42 24.16 18.10
C LYS A 96 15.76 23.45 18.12
N GLY A 97 16.73 24.01 17.40
CA GLY A 97 17.99 23.31 17.18
C GLY A 97 18.46 23.13 15.75
N GLY A 98 17.54 22.95 14.80
CA GLY A 98 17.91 22.82 13.39
C GLY A 98 17.60 21.45 12.77
N ARG A 99 17.30 20.48 13.60
CA ARG A 99 17.04 19.13 13.08
C ARG A 99 15.76 19.13 12.25
N GLU A 100 15.87 18.67 11.01
CA GLU A 100 14.73 18.59 10.12
C GLU A 100 13.91 17.33 10.31
N VAL A 101 12.59 17.49 10.38
CA VAL A 101 11.69 16.39 10.65
C VAL A 101 10.51 16.43 9.73
N ALA A 102 9.81 15.30 9.67
CA ALA A 102 8.56 15.15 8.94
C ALA A 102 7.49 14.71 9.94
N MSE A 103 6.50 15.58 10.16
CA MSE A 103 5.44 15.36 11.13
C MSE A 103 4.17 14.93 10.39
O MSE A 103 3.59 15.72 9.64
CB MSE A 103 5.16 16.64 11.93
CG MSE A 103 6.38 17.13 12.72
SE MSE A 103 5.97 18.78 13.68
CE MSE A 103 4.69 17.96 14.97
H MSE A 103 6.44 16.33 9.75
HA MSE A 103 5.70 14.66 11.75
N LYS A 104 3.77 13.68 10.56
CA LYS A 104 2.51 13.20 10.03
C LYS A 104 1.41 13.37 11.09
N ILE A 105 0.42 14.19 10.75
CA ILE A 105 -0.62 14.67 11.64
C ILE A 105 -1.99 14.17 11.15
N GLN A 106 -2.68 13.44 12.03
CA GLN A 106 -4.02 12.94 11.73
C GLN A 106 -5.06 14.05 11.66
N TYR A 107 -6.03 13.92 10.76
CA TYR A 107 -7.20 14.78 10.81
C TYR A 107 -7.97 14.49 12.09
N PRO A 108 -8.55 15.54 12.71
CA PRO A 108 -9.33 15.33 13.93
C PRO A 108 -10.54 14.43 13.74
N GLY A 109 -10.83 13.59 14.74
CA GLY A 109 -12.04 12.81 14.78
C GLY A 109 -12.24 11.81 13.65
N VAL A 110 -11.17 11.33 13.03
CA VAL A 110 -11.33 10.37 11.94
C VAL A 110 -11.85 9.07 12.52
N ALA A 111 -11.36 8.70 13.68
CA ALA A 111 -11.77 7.42 14.24
C ALA A 111 -13.29 7.39 14.47
N GLN A 112 -13.87 8.54 14.73
CA GLN A 112 -15.28 8.59 15.09
C GLN A 112 -16.23 8.69 13.89
N SER A 113 -15.72 9.09 12.72
CA SER A 113 -16.55 9.21 11.52
C SER A 113 -16.30 8.10 10.50
N ILE A 114 -15.63 7.01 10.89
CA ILE A 114 -15.28 5.96 9.94
C ILE A 114 -16.51 5.38 9.22
N ASN A 115 -17.55 4.98 9.94
CA ASN A 115 -18.65 4.30 9.25
C ASN A 115 -19.35 5.22 8.24
N SER A 116 -19.65 6.45 8.65
CA SER A 116 -20.35 7.37 7.75
CA SER A 116 -20.35 7.36 7.75
C SER A 116 -19.44 7.85 6.63
N ASP A 117 -18.15 7.98 6.92
CA ASP A 117 -17.23 8.37 5.86
C ASP A 117 -17.09 7.29 4.80
N VAL A 118 -16.94 6.03 5.21
CA VAL A 118 -16.89 4.95 4.25
C VAL A 118 -18.22 4.88 3.47
N ASN A 119 -19.34 5.10 4.15
CA ASN A 119 -20.66 5.14 3.51
C ASN A 119 -20.72 6.17 2.37
N ASN A 120 -20.23 7.36 2.69
CA ASN A 120 -20.28 8.49 1.76
C ASN A 120 -19.33 8.27 0.57
N LEU A 121 -18.15 7.72 0.86
CA LEU A 121 -17.20 7.41 -0.17
C LEU A 121 -17.78 6.47 -1.23
N MSE A 122 -18.49 5.43 -0.80
N MSE A 122 -18.50 5.45 -0.76
CA MSE A 122 -19.09 4.48 -1.73
CA MSE A 122 -19.21 4.49 -1.60
C MSE A 122 -20.22 5.13 -2.55
C MSE A 122 -20.19 5.15 -2.54
O MSE A 122 -20.41 4.76 -3.70
O MSE A 122 -20.28 4.82 -3.73
CB MSE A 122 -19.62 3.24 -1.02
CB MSE A 122 -19.96 3.50 -0.74
CG MSE A 122 -18.57 2.17 -0.61
CG MSE A 122 -19.08 2.84 0.26
SE MSE A 122 -16.82 2.12 -1.53
SE MSE A 122 -17.90 1.57 -0.55
CE MSE A 122 -15.80 2.79 -0.05
CE MSE A 122 -16.45 2.71 -1.20
H MSE A 122 -18.62 5.24 0.03
H MSE A 122 -18.59 5.29 0.08
HA MSE A 122 -18.40 4.19 -2.35
HA MSE A 122 -18.56 3.99 -2.13
N ALA A 123 -20.93 6.09 -1.98
CA ALA A 123 -21.94 6.80 -2.74
C ALA A 123 -21.28 7.52 -3.93
N VAL A 124 -20.24 8.28 -3.63
CA VAL A 124 -19.54 9.03 -4.66
C VAL A 124 -18.93 8.14 -5.70
N LEU A 125 -18.25 7.09 -5.25
CA LEU A 125 -17.66 6.17 -6.22
C LEU A 125 -18.68 5.40 -7.05
N ASN A 126 -19.81 5.06 -6.44
CA ASN A 126 -20.86 4.35 -7.16
C ASN A 126 -21.40 5.23 -8.28
N MSE A 127 -21.70 6.49 -7.94
CA MSE A 127 -22.26 7.41 -8.93
C MSE A 127 -21.26 7.81 -10.01
O MSE A 127 -21.68 8.18 -11.12
CB MSE A 127 -22.82 8.65 -8.22
CG MSE A 127 -24.09 8.34 -7.43
SE MSE A 127 -24.81 9.98 -6.63
CE MSE A 127 -23.76 9.91 -5.00
H MSE A 127 -21.59 6.82 -7.16
HA MSE A 127 -23.01 6.97 -9.36
N SER A 128 -19.96 7.73 -9.72
CA SER A 128 -18.93 8.08 -10.72
C SER A 128 -18.93 7.14 -11.93
N ASN A 129 -19.37 5.89 -11.71
CA ASN A 129 -19.31 4.83 -12.72
C ASN A 129 -17.86 4.58 -13.21
N MSE A 130 -16.87 4.83 -12.35
CA MSE A 130 -15.47 4.69 -12.73
C MSE A 130 -14.78 3.55 -12.01
O MSE A 130 -13.64 3.25 -12.34
CB MSE A 130 -14.69 5.99 -12.45
CG MSE A 130 -15.17 7.19 -13.25
SE MSE A 130 -14.22 8.80 -12.61
CE MSE A 130 -15.18 10.14 -13.71
HA MSE A 130 -15.42 4.53 -13.69
N LEU A 131 -15.46 2.91 -11.05
CA LEU A 131 -14.87 1.79 -10.28
C LEU A 131 -14.47 0.65 -11.24
N PRO A 132 -13.32 0.01 -11.02
CA PRO A 132 -12.98 -1.13 -11.88
C PRO A 132 -14.05 -2.24 -11.92
N GLU A 133 -14.14 -2.94 -13.05
CA GLU A 133 -15.08 -4.04 -13.22
C GLU A 133 -15.02 -5.02 -12.05
N GLY A 134 -16.18 -5.47 -11.60
CA GLY A 134 -16.21 -6.52 -10.59
C GLY A 134 -16.18 -6.01 -9.16
N LEU A 135 -15.93 -4.72 -8.99
CA LEU A 135 -15.93 -4.07 -7.69
C LEU A 135 -17.27 -3.39 -7.43
N PHE A 136 -17.95 -3.86 -6.40
CA PHE A 136 -19.26 -3.35 -6.06
C PHE A 136 -19.18 -2.72 -4.68
N PRO A 137 -19.69 -1.49 -4.52
CA PRO A 137 -19.53 -0.78 -3.25
C PRO A 137 -19.92 -1.57 -1.99
N GLU A 138 -20.97 -2.36 -2.06
CA GLU A 138 -21.45 -2.98 -0.85
C GLU A 138 -20.43 -4.00 -0.36
N HIS A 139 -19.56 -4.50 -1.25
CA HIS A 139 -18.58 -5.52 -0.87
C HIS A 139 -17.25 -4.92 -0.43
N LEU A 140 -17.15 -3.61 -0.51
CA LEU A 140 -15.92 -2.88 -0.15
C LEU A 140 -16.02 -2.29 1.26
N ILE A 141 -17.26 -2.07 1.71
CA ILE A 141 -17.55 -1.33 2.94
C ILE A 141 -16.86 -1.91 4.16
N ASP A 142 -17.05 -3.19 4.38
CA ASP A 142 -16.58 -3.83 5.61
C ASP A 142 -15.07 -3.87 5.69
N VAL A 143 -14.41 -4.29 4.62
CA VAL A 143 -12.97 -4.37 4.61
C VAL A 143 -12.35 -2.97 4.78
N LEU A 144 -12.91 -1.96 4.10
CA LEU A 144 -12.40 -0.61 4.28
C LEU A 144 -12.62 -0.07 5.71
N ARG A 145 -13.80 -0.25 6.30
CA ARG A 145 -14.04 0.22 7.68
C ARG A 145 -12.99 -0.40 8.62
N ARG A 146 -12.71 -1.68 8.45
CA ARG A 146 -11.77 -2.32 9.37
C ARG A 146 -10.36 -1.82 9.18
N GLU A 147 -9.93 -1.70 7.94
CA GLU A 147 -8.54 -1.27 7.68
C GLU A 147 -8.34 0.20 8.05
N LEU A 148 -9.38 1.00 7.85
CA LEU A 148 -9.26 2.41 8.19
C LEU A 148 -9.06 2.59 9.70
N ALA A 149 -9.77 1.81 10.51
CA ALA A 149 -9.56 1.87 11.96
C ALA A 149 -8.13 1.50 12.32
N LEU A 150 -7.56 0.49 11.65
CA LEU A 150 -6.17 0.13 11.92
C LEU A 150 -5.19 1.28 11.60
N GLU A 151 -5.46 2.01 10.53
CA GLU A 151 -4.60 3.13 10.14
C GLU A 151 -4.52 4.21 11.24
N CYS A 152 -5.58 4.35 12.06
CA CYS A 152 -5.62 5.35 13.13
C CYS A 152 -4.57 5.16 14.25
N ASP A 153 -4.00 3.98 14.37
CA ASP A 153 -3.11 3.65 15.46
C ASP A 153 -1.65 4.11 15.23
N TYR A 154 -1.38 5.41 15.34
CA TYR A 154 -0.02 5.91 15.08
C TYR A 154 1.01 5.48 16.14
N GLN A 155 0.59 5.19 17.37
CA GLN A 155 1.53 4.60 18.34
C GLN A 155 2.09 3.28 17.86
N ARG A 156 1.20 2.43 17.35
CA ARG A 156 1.62 1.15 16.80
C ARG A 156 2.42 1.32 15.49
N GLU A 157 2.01 2.25 14.64
CA GLU A 157 2.79 2.53 13.44
C GLU A 157 4.25 2.93 13.81
N ALA A 158 4.43 3.74 14.86
CA ALA A 158 5.77 4.12 15.31
C ALA A 158 6.55 2.87 15.70
N ALA A 159 5.91 1.95 16.43
CA ALA A 159 6.53 0.69 16.83
C ALA A 159 6.95 -0.15 15.58
N CYS A 160 6.10 -0.18 14.56
CA CYS A 160 6.42 -0.86 13.31
C CYS A 160 7.58 -0.22 12.55
N ALA A 161 7.62 1.10 12.55
CA ALA A 161 8.71 1.83 11.92
C ALA A 161 10.05 1.51 12.62
N ARG A 162 10.03 1.44 13.96
CA ARG A 162 11.24 1.10 14.72
C ARG A 162 11.73 -0.29 14.34
N LYS A 163 10.81 -1.26 14.24
CA LYS A 163 11.19 -2.63 13.90
C LYS A 163 11.77 -2.71 12.48
N PHE A 164 11.14 -2.04 11.52
CA PHE A 164 11.66 -2.08 10.15
C PHE A 164 13.02 -1.39 10.06
N ARG A 165 13.22 -0.31 10.81
CA ARG A 165 14.52 0.34 10.84
C ARG A 165 15.56 -0.65 11.31
N ASP A 166 15.23 -1.48 12.31
CA ASP A 166 16.17 -2.49 12.78
C ASP A 166 16.40 -3.56 11.72
N LEU A 167 15.34 -3.98 11.04
CA LEU A 167 15.46 -5.02 10.02
C LEU A 167 16.29 -4.59 8.82
N LEU A 168 16.29 -3.29 8.53
CA LEU A 168 16.94 -2.77 7.33
C LEU A 168 18.20 -1.98 7.65
N LYS A 169 18.68 -2.10 8.89
CA LYS A 169 19.93 -1.45 9.30
C LYS A 169 21.08 -1.84 8.38
N GLY A 170 21.78 -0.83 7.86
CA GLY A 170 22.91 -1.08 6.99
C GLY A 170 22.57 -1.41 5.55
N HIS A 171 21.29 -1.33 5.19
CA HIS A 171 20.86 -1.73 3.86
C HIS A 171 21.45 -0.76 2.84
N PRO A 172 21.93 -1.28 1.67
CA PRO A 172 22.52 -0.33 0.69
C PRO A 172 21.52 0.52 -0.09
N PHE A 173 20.25 0.16 -0.09
CA PHE A 173 19.26 0.84 -0.92
C PHE A 173 18.13 1.48 -0.10
N PHE A 174 17.55 0.75 0.84
CA PHE A 174 16.37 1.21 1.57
C PHE A 174 16.80 1.80 2.87
N TYR A 175 16.07 2.79 3.36
CA TYR A 175 16.30 3.23 4.72
CA TYR A 175 16.31 3.27 4.70
C TYR A 175 15.04 3.78 5.34
N VAL A 176 15.02 3.67 6.65
CA VAL A 176 13.89 4.05 7.44
C VAL A 176 14.34 5.17 8.36
N PRO A 177 13.73 6.35 8.25
CA PRO A 177 14.19 7.46 9.10
C PRO A 177 13.89 7.22 10.58
N GLU A 178 14.73 7.77 11.45
CA GLU A 178 14.58 7.62 12.87
C GLU A 178 13.32 8.29 13.36
N ILE A 179 12.63 7.65 14.29
CA ILE A 179 11.46 8.21 14.93
C ILE A 179 11.95 9.27 15.93
N VAL A 180 11.19 10.36 16.03
CA VAL A 180 11.51 11.48 16.92
C VAL A 180 10.46 11.43 18.00
N ASP A 181 10.78 10.77 19.11
CA ASP A 181 9.81 10.44 20.14
C ASP A 181 9.15 11.67 20.72
N GLU A 182 9.88 12.78 20.80
CA GLU A 182 9.36 13.98 21.48
C GLU A 182 8.22 14.59 20.68
N LEU A 183 8.09 14.18 19.42
CA LEU A 183 7.04 14.70 18.55
C LEU A 183 6.09 13.62 18.06
N CYS A 184 5.97 12.55 18.83
CA CYS A 184 5.03 11.47 18.53
C CYS A 184 3.96 11.35 19.60
N SER A 185 2.75 10.94 19.19
CA SER A 185 1.58 10.78 20.06
C SER A 185 0.57 9.85 19.36
N PRO A 186 -0.61 9.63 19.98
CA PRO A 186 -1.55 8.74 19.28
C PRO A 186 -1.98 9.24 17.92
N HIS A 187 -1.91 10.56 17.72
CA HIS A 187 -2.41 11.17 16.50
C HIS A 187 -1.35 11.91 15.67
N VAL A 188 -0.09 11.83 16.07
CA VAL A 188 1.02 12.44 15.37
C VAL A 188 2.23 11.50 15.33
N LEU A 189 2.81 11.32 14.15
CA LEU A 189 3.98 10.47 13.99
C LEU A 189 5.09 11.25 13.30
N THR A 190 6.20 11.46 14.01
CA THR A 190 7.28 12.29 13.48
C THR A 190 8.55 11.49 13.32
N THR A 191 9.17 11.66 12.14
CA THR A 191 10.47 11.08 11.81
C THR A 191 11.46 12.16 11.34
N GLU A 192 12.74 11.81 11.21
CA GLU A 192 13.66 12.74 10.58
C GLU A 192 13.24 12.87 9.11
N LEU A 193 13.47 14.04 8.56
CA LEU A 193 13.08 14.33 7.19
C LEU A 193 13.74 13.40 6.19
N VAL A 194 13.01 13.08 5.12
CA VAL A 194 13.52 12.40 3.95
C VAL A 194 13.21 13.23 2.71
N SER A 195 14.03 13.09 1.69
CA SER A 195 13.86 13.82 0.44
C SER A 195 13.78 12.86 -0.74
N GLY A 196 13.10 13.29 -1.83
CA GLY A 196 13.19 12.59 -3.10
C GLY A 196 11.92 12.53 -3.95
N PHE A 197 12.00 11.79 -5.03
CA PHE A 197 10.81 11.52 -5.83
C PHE A 197 9.87 10.64 -5.06
N PRO A 198 8.63 11.09 -4.77
CA PRO A 198 7.71 9.98 -4.46
C PRO A 198 7.65 8.94 -5.56
N LEU A 199 7.62 7.65 -5.23
CA LEU A 199 7.64 6.62 -6.29
C LEU A 199 6.46 6.68 -7.25
N ASP A 200 5.28 7.10 -6.78
CA ASP A 200 4.14 7.21 -7.69
C ASP A 200 4.28 8.38 -8.67
N GLN A 201 5.39 9.12 -8.59
CA GLN A 201 5.73 10.17 -9.52
C GLN A 201 7.06 9.92 -10.22
N ALA A 202 7.54 8.69 -10.22
CA ALA A 202 8.89 8.39 -10.72
C ALA A 202 8.93 7.86 -12.18
N GLU A 203 7.79 7.95 -12.88
CA GLU A 203 7.71 7.39 -14.22
C GLU A 203 8.73 8.00 -15.21
N GLY A 204 9.25 9.20 -14.91
CA GLY A 204 10.13 9.89 -15.84
C GLY A 204 11.58 9.49 -15.69
N LEU A 205 11.89 8.72 -14.66
CA LEU A 205 13.27 8.22 -14.51
C LEU A 205 13.69 7.24 -15.61
N SER A 206 15.00 7.01 -15.80
CA SER A 206 15.46 6.16 -16.87
C SER A 206 14.97 4.74 -16.61
N GLN A 207 14.89 3.97 -17.68
CA GLN A 207 14.47 2.58 -17.60
C GLN A 207 15.31 1.81 -16.62
N GLU A 208 16.62 2.00 -16.69
CA GLU A 208 17.54 1.25 -15.84
C GLU A 208 17.35 1.60 -14.35
N ILE A 209 17.09 2.87 -14.03
CA ILE A 209 16.83 3.27 -12.66
C ILE A 209 15.44 2.73 -12.18
N ARG A 210 14.41 2.83 -13.03
CA ARG A 210 13.13 2.29 -12.65
C ARG A 210 13.23 0.75 -12.41
N ASN A 211 13.99 0.06 -13.27
CA ASN A 211 14.20 -1.38 -13.10
C ASN A 211 14.82 -1.68 -11.74
N GLU A 212 15.84 -0.94 -11.39
CA GLU A 212 16.53 -1.17 -10.13
C GLU A 212 15.71 -0.86 -8.89
N ILE A 213 15.00 0.27 -8.93
CA ILE A 213 14.04 0.55 -7.85
C ILE A 213 13.05 -0.61 -7.64
N CYS A 214 12.43 -1.01 -8.73
CA CYS A 214 11.36 -1.98 -8.66
C CYS A 214 11.86 -3.39 -8.34
N TYR A 215 13.03 -3.77 -8.83
CA TYR A 215 13.66 -5.04 -8.41
C TYR A 215 13.81 -5.08 -6.89
N ASN A 216 14.33 -3.99 -6.34
CA ASN A 216 14.50 -3.88 -4.91
C ASN A 216 13.15 -3.91 -4.14
N ILE A 217 12.12 -3.27 -4.71
CA ILE A 217 10.79 -3.29 -4.12
C ILE A 217 10.21 -4.71 -4.06
N LEU A 218 10.35 -5.47 -5.15
CA LEU A 218 9.77 -6.81 -5.15
C LEU A 218 10.56 -7.72 -4.20
N VAL A 219 11.87 -7.57 -4.14
CA VAL A 219 12.69 -8.30 -3.17
C VAL A 219 12.25 -8.01 -1.74
N LEU A 220 12.02 -6.74 -1.43
CA LEU A 220 11.54 -6.38 -0.12
C LEU A 220 10.21 -7.09 0.19
N CYS A 221 9.33 -7.13 -0.81
CA CYS A 221 8.05 -7.82 -0.66
C CYS A 221 8.28 -9.30 -0.26
N LEU A 222 9.16 -9.97 -0.99
CA LEU A 222 9.46 -11.38 -0.69
C LEU A 222 10.08 -11.53 0.69
N ARG A 223 10.92 -10.60 1.09
CA ARG A 223 11.54 -10.70 2.40
C ARG A 223 10.49 -10.45 3.48
N GLU A 224 9.56 -9.53 3.23
CA GLU A 224 8.49 -9.29 4.21
C GLU A 224 7.65 -10.53 4.42
N LEU A 225 7.32 -11.17 3.33
CA LEU A 225 6.50 -12.38 3.37
C LEU A 225 7.23 -13.58 3.99
N PHE A 226 8.45 -13.85 3.53
CA PHE A 226 9.11 -15.13 3.83
C PHE A 226 10.34 -15.08 4.71
N GLU A 227 10.82 -13.88 5.03
CA GLU A 227 11.94 -13.73 5.94
C GLU A 227 11.53 -13.03 7.24
N PHE A 228 10.98 -11.83 7.11
CA PHE A 228 10.64 -11.02 8.29
C PHE A 228 9.37 -11.52 8.97
N HIS A 229 8.49 -12.12 8.17
CA HIS A 229 7.11 -12.42 8.58
C HIS A 229 6.46 -11.18 9.21
N PHE A 230 6.70 -10.03 8.60
CA PHE A 230 6.27 -8.73 9.12
C PHE A 230 6.07 -7.91 7.86
N MSE A 231 4.82 -7.58 7.51
CA MSE A 231 4.55 -7.04 6.18
CA MSE A 231 4.56 -7.04 6.19
C MSE A 231 3.48 -5.97 6.16
O MSE A 231 2.51 -6.03 6.89
CB MSE A 231 4.13 -8.16 5.24
CB MSE A 231 4.15 -8.15 5.25
CG MSE A 231 2.89 -8.91 5.65
CG MSE A 231 2.79 -8.71 5.50
SE MSE A 231 1.43 -8.69 4.37
SE MSE A 231 2.56 -10.22 4.32
CE MSE A 231 0.35 -7.58 5.46
CE MSE A 231 3.71 -11.47 5.27
H MSE A 231 4.13 -7.66 8.02
HA MSE A 231 5.37 -6.66 5.84
N GLN A 232 3.71 -4.97 5.31
CA GLN A 232 2.70 -3.93 5.07
CA GLN A 232 2.73 -3.92 5.06
C GLN A 232 1.81 -4.35 3.90
N THR A 233 0.49 -4.46 4.14
CA THR A 233 -0.44 -5.01 3.12
C THR A 233 -0.64 -4.19 1.82
N ASP A 234 -0.85 -2.91 2.04
CA ASP A 234 -1.20 -1.97 0.97
C ASP A 234 -0.30 -0.72 1.11
N PRO A 235 0.99 -0.79 0.71
CA PRO A 235 2.06 0.15 1.11
C PRO A 235 2.00 1.72 1.10
N ASN A 236 1.32 2.38 0.18
CA ASN A 236 1.37 3.88 -0.01
C ASN A 236 2.64 4.31 -0.71
N TRP A 237 2.68 4.05 -2.00
CA TRP A 237 3.86 4.31 -2.80
CA TRP A 237 3.86 4.30 -2.79
C TRP A 237 4.18 5.79 -2.86
N SER A 238 3.19 6.63 -2.57
CA SER A 238 3.44 8.07 -2.57
C SER A 238 4.31 8.46 -1.38
N ASN A 239 4.47 7.57 -0.40
CA ASN A 239 5.33 7.84 0.77
C ASN A 239 6.58 6.96 0.77
N PHE A 240 6.93 6.47 -0.41
CA PHE A 240 8.27 5.90 -0.68
C PHE A 240 9.01 6.97 -1.45
N PHE A 241 10.19 7.39 -1.00
CA PHE A 241 10.84 8.54 -1.61
C PHE A 241 12.22 8.13 -2.18
N TYR A 242 12.40 8.27 -3.50
CA TYR A 242 13.67 7.95 -4.15
C TYR A 242 14.56 9.21 -4.19
N ASP A 243 15.73 9.11 -3.59
CA ASP A 243 16.72 10.20 -3.63
C ASP A 243 17.73 9.92 -4.74
N PRO A 244 17.68 10.68 -5.87
CA PRO A 244 18.53 10.33 -7.02
C PRO A 244 20.00 10.58 -6.75
N GLN A 245 20.30 11.38 -5.74
CA GLN A 245 21.67 11.67 -5.37
C GLN A 245 22.28 10.46 -4.68
N GLN A 246 21.60 9.92 -3.68
CA GLN A 246 22.12 8.80 -2.90
C GLN A 246 21.79 7.45 -3.53
N HIS A 247 20.84 7.46 -4.48
CA HIS A 247 20.33 6.24 -5.08
C HIS A 247 19.78 5.37 -3.94
N LYS A 248 18.86 5.94 -3.15
CA LYS A 248 18.25 5.21 -2.05
C LYS A 248 16.75 5.51 -1.96
N VAL A 249 15.98 4.57 -1.44
CA VAL A 249 14.54 4.77 -1.20
C VAL A 249 14.26 4.79 0.30
N ALA A 250 13.65 5.90 0.75
CA ALA A 250 13.22 6.09 2.13
C ALA A 250 11.77 5.63 2.32
N LEU A 251 11.57 4.88 3.38
CA LEU A 251 10.26 4.30 3.74
C LEU A 251 9.60 5.09 4.89
N LEU A 252 8.47 5.76 4.63
CA LEU A 252 7.90 6.68 5.60
C LEU A 252 6.61 6.20 6.24
N ASP A 253 5.90 5.31 5.54
CA ASP A 253 4.56 4.90 5.93
C ASP A 253 4.54 3.39 6.28
N PHE A 254 4.17 3.06 7.54
CA PHE A 254 4.06 1.69 8.03
C PHE A 254 2.69 1.38 8.61
N GLY A 255 1.67 2.11 8.18
CA GLY A 255 0.32 1.82 8.62
C GLY A 255 -0.13 0.40 8.29
N ALA A 256 -0.81 -0.21 9.25
CA ALA A 256 -1.47 -1.52 9.13
C ALA A 256 -0.49 -2.63 8.75
N THR A 257 0.70 -2.59 9.35
CA THR A 257 1.68 -3.66 9.19
C THR A 257 1.28 -4.85 10.05
N ARG A 258 1.40 -6.05 9.48
CA ARG A 258 0.92 -7.33 10.04
C ARG A 258 2.01 -8.38 10.25
N GLU A 259 1.96 -9.06 11.38
CA GLU A 259 2.73 -10.31 11.54
C GLU A 259 1.88 -11.50 11.10
N TYR A 260 2.49 -12.44 10.37
CA TYR A 260 1.78 -13.66 9.93
C TYR A 260 2.44 -14.91 10.52
N ASP A 261 1.64 -15.87 10.97
CA ASP A 261 2.22 -17.06 11.61
C ASP A 261 2.67 -18.05 10.55
N ARG A 262 3.42 -19.07 10.97
CA ARG A 262 4.00 -20.05 10.07
C ARG A 262 2.93 -20.74 9.25
N SER A 263 1.77 -20.97 9.84
CA SER A 263 0.69 -21.68 9.17
C SER A 263 0.21 -20.93 7.93
N PHE A 264 0.04 -19.61 8.05
CA PHE A 264 -0.34 -18.84 6.87
C PHE A 264 0.79 -18.79 5.86
N THR A 265 2.01 -18.51 6.30
CA THR A 265 3.07 -18.26 5.34
CA THR A 265 3.07 -18.28 5.35
C THR A 265 3.51 -19.56 4.67
N ASP A 266 3.42 -20.68 5.38
CA ASP A 266 3.72 -22.01 4.84
C ASP A 266 2.83 -22.28 3.62
N LEU A 267 1.54 -22.09 3.81
CA LEU A 267 0.59 -22.42 2.78
C LEU A 267 0.73 -21.46 1.62
N TYR A 268 0.93 -20.19 1.92
CA TYR A 268 1.08 -19.21 0.87
C TYR A 268 2.29 -19.49 -0.02
N ILE A 269 3.44 -19.84 0.57
CA ILE A 269 4.62 -20.08 -0.25
C ILE A 269 4.44 -21.33 -1.11
N GLN A 270 3.65 -22.29 -0.63
CA GLN A 270 3.31 -23.49 -1.41
C GLN A 270 2.49 -23.09 -2.64
N ILE A 271 1.63 -22.08 -2.48
CA ILE A 271 0.81 -21.60 -3.59
C ILE A 271 1.71 -20.93 -4.64
N ILE A 272 2.64 -20.07 -4.20
CA ILE A 272 3.52 -19.42 -5.15
C ILE A 272 4.50 -20.42 -5.83
N ARG A 273 5.00 -21.40 -5.07
CA ARG A 273 5.83 -22.46 -5.66
C ARG A 273 5.08 -23.23 -6.73
N ALA A 274 3.84 -23.61 -6.43
CA ALA A 274 2.99 -24.29 -7.41
C ALA A 274 2.79 -23.45 -8.67
N ALA A 275 2.57 -22.15 -8.50
CA ALA A 275 2.37 -21.29 -9.64
C ALA A 275 3.65 -21.20 -10.51
N ALA A 276 4.80 -21.11 -9.84
CA ALA A 276 6.08 -21.07 -10.57
C ALA A 276 6.34 -22.42 -11.25
N ASP A 277 5.81 -23.50 -10.68
CA ASP A 277 5.92 -24.82 -11.32
C ASP A 277 4.82 -25.11 -12.35
N ARG A 278 4.00 -24.09 -12.62
CA ARG A 278 2.93 -24.12 -13.60
C ARG A 278 1.86 -25.17 -13.29
N ASP A 279 1.63 -25.43 -12.00
CA ASP A 279 0.68 -26.42 -11.53
C ASP A 279 -0.65 -25.76 -11.13
N ARG A 280 -1.51 -25.53 -12.11
CA ARG A 280 -2.78 -24.83 -11.87
C ARG A 280 -3.68 -25.55 -10.88
N GLU A 281 -3.74 -26.87 -10.93
CA GLU A 281 -4.66 -27.57 -10.05
C GLU A 281 -4.22 -27.46 -8.58
N THR A 282 -2.92 -27.52 -8.32
CA THR A 282 -2.44 -27.37 -6.96
C THR A 282 -2.65 -25.92 -6.46
N VAL A 283 -2.39 -24.94 -7.31
CA VAL A 283 -2.73 -23.55 -6.96
C VAL A 283 -4.21 -23.43 -6.55
N ARG A 284 -5.09 -24.05 -7.33
CA ARG A 284 -6.52 -24.03 -7.03
C ARG A 284 -6.80 -24.68 -5.67
N ALA A 285 -6.33 -25.91 -5.48
CA ALA A 285 -6.60 -26.67 -4.26
C ALA A 285 -6.11 -25.95 -3.02
N LYS A 286 -4.88 -25.45 -3.09
CA LYS A 286 -4.31 -24.76 -1.95
C LYS A 286 -4.93 -23.38 -1.73
N SER A 287 -5.37 -22.75 -2.82
CA SER A 287 -6.13 -21.50 -2.70
C SER A 287 -7.46 -21.71 -1.97
N ILE A 288 -8.12 -22.85 -2.22
CA ILE A 288 -9.34 -23.17 -1.50
C ILE A 288 -9.03 -23.50 -0.03
N GLU A 289 -7.94 -24.24 0.22
CA GLU A 289 -7.52 -24.47 1.61
C GLU A 289 -7.30 -23.16 2.35
N MSE A 290 -6.71 -22.18 1.67
CA MSE A 290 -6.36 -20.88 2.25
C MSE A 290 -7.59 -19.99 2.41
O MSE A 290 -7.59 -19.03 3.17
CB MSE A 290 -5.31 -20.17 1.37
CG MSE A 290 -5.14 -18.65 1.63
SE MSE A 290 -4.14 -18.46 3.34
CE MSE A 290 -2.42 -18.89 2.62
H MSE A 290 -6.49 -22.24 0.84
HA MSE A 290 -5.97 -21.02 3.12
N LYS A 291 -8.63 -20.33 1.62
CA LYS A 291 -9.88 -19.58 1.52
C LYS A 291 -9.71 -18.23 0.74
N PHE A 292 -8.64 -18.13 -0.05
CA PHE A 292 -8.63 -17.14 -1.12
C PHE A 292 -9.86 -17.39 -2.01
N LEU A 293 -10.11 -18.67 -2.26
CA LEU A 293 -11.33 -19.15 -2.92
C LEU A 293 -12.16 -19.99 -1.95
N THR A 294 -13.48 -19.88 -2.00
CA THR A 294 -14.33 -20.82 -1.27
C THR A 294 -14.44 -22.18 -1.97
N GLY A 295 -14.23 -22.19 -3.29
CA GLY A 295 -14.39 -23.41 -4.11
C GLY A 295 -15.70 -23.43 -4.90
N TYR A 296 -16.49 -22.38 -4.72
CA TYR A 296 -17.82 -22.26 -5.32
C TYR A 296 -17.96 -21.10 -6.26
N GLU A 297 -16.88 -20.34 -6.49
CA GLU A 297 -16.93 -19.17 -7.36
C GLU A 297 -17.37 -19.56 -8.76
N VAL A 298 -18.01 -18.61 -9.46
CA VAL A 298 -18.35 -18.83 -10.86
C VAL A 298 -17.03 -18.89 -11.63
N LYS A 299 -17.06 -19.53 -12.80
CA LYS A 299 -15.82 -19.99 -13.41
C LYS A 299 -14.93 -18.82 -13.78
N VAL A 300 -15.55 -17.73 -14.24
CA VAL A 300 -14.81 -16.54 -14.66
C VAL A 300 -14.11 -15.85 -13.49
N MSE A 301 -14.70 -15.93 -12.30
CA MSE A 301 -14.09 -15.33 -11.12
CA MSE A 301 -14.11 -15.34 -11.11
C MSE A 301 -13.02 -16.26 -10.57
O MSE A 301 -11.97 -15.81 -10.09
CB MSE A 301 -15.13 -15.01 -10.04
CB MSE A 301 -15.20 -15.10 -10.07
CG MSE A 301 -14.62 -14.02 -8.98
CG MSE A 301 -14.78 -14.30 -8.87
SE MSE A 301 -13.96 -12.27 -9.69
SE MSE A 301 -16.21 -14.25 -7.53
CE MSE A 301 -15.22 -12.06 -11.15
CE MSE A 301 -17.65 -13.36 -8.50
H MSE A 301 -15.46 -16.32 -12.15
HA MSE A 301 -13.70 -14.48 -11.35
N GLU A 302 -13.26 -17.58 -10.64
CA GLU A 302 -12.25 -18.54 -10.25
C GLU A 302 -11.02 -18.32 -11.14
N ASP A 303 -11.30 -18.09 -12.42
CA ASP A 303 -10.23 -17.95 -13.39
C ASP A 303 -9.46 -16.66 -13.17
N ALA A 304 -10.13 -15.60 -12.71
CA ALA A 304 -9.47 -14.34 -12.41
C ALA A 304 -8.40 -14.58 -11.37
N HIS A 305 -8.77 -15.34 -10.34
CA HIS A 305 -7.79 -15.65 -9.29
C HIS A 305 -6.64 -16.50 -9.86
N LEU A 306 -6.97 -17.62 -10.51
CA LEU A 306 -5.95 -18.55 -11.00
C LEU A 306 -5.04 -17.95 -12.06
N ASP A 307 -5.62 -17.18 -12.99
CA ASP A 307 -4.80 -16.54 -14.01
C ASP A 307 -3.84 -15.54 -13.39
N ALA A 308 -4.29 -14.72 -12.44
CA ALA A 308 -3.37 -13.81 -11.73
C ALA A 308 -2.25 -14.51 -10.94
N ILE A 309 -2.58 -15.50 -10.12
CA ILE A 309 -1.52 -16.21 -9.42
C ILE A 309 -0.53 -16.86 -10.41
N LEU A 310 -1.01 -17.40 -11.54
CA LEU A 310 -0.13 -18.05 -12.48
C LEU A 310 0.78 -17.03 -13.20
N ILE A 311 0.30 -15.80 -13.36
CA ILE A 311 1.16 -14.69 -13.84
C ILE A 311 2.28 -14.38 -12.85
N LEU A 312 1.99 -14.35 -11.55
CA LEU A 312 3.05 -14.23 -10.56
C LEU A 312 4.07 -15.35 -10.73
N GLY A 313 3.58 -16.58 -10.85
CA GLY A 313 4.44 -17.71 -11.07
C GLY A 313 5.27 -17.65 -12.34
N GLU A 314 4.68 -17.17 -13.41
CA GLU A 314 5.36 -16.96 -14.67
C GLU A 314 6.59 -16.07 -14.46
N ALA A 315 6.42 -14.97 -13.75
CA ALA A 315 7.57 -14.10 -13.49
C ALA A 315 8.67 -14.85 -12.72
N PHE A 316 8.24 -15.60 -11.71
CA PHE A 316 9.18 -16.21 -10.82
C PHE A 316 9.79 -17.45 -11.40
N ALA A 317 9.23 -17.94 -12.53
CA ALA A 317 9.76 -19.11 -13.21
C ALA A 317 10.69 -18.78 -14.39
N SER A 318 10.74 -17.52 -14.79
CA SER A 318 11.47 -17.14 -16.00
C SER A 318 12.84 -16.56 -15.68
N ASP A 319 13.86 -17.08 -16.36
CA ASP A 319 15.19 -16.48 -16.30
C ASP A 319 15.31 -15.27 -17.23
N GLU A 320 14.29 -15.07 -18.06
CA GLU A 320 14.23 -13.86 -18.88
C GLU A 320 13.58 -12.70 -18.14
N PRO A 321 13.90 -11.47 -18.55
CA PRO A 321 13.23 -10.33 -17.93
C PRO A 321 11.71 -10.45 -18.07
N PHE A 322 11.02 -10.15 -16.97
CA PHE A 322 9.56 -10.09 -16.96
C PHE A 322 9.14 -8.65 -17.18
N ASP A 323 8.17 -8.46 -18.07
CA ASP A 323 7.67 -7.14 -18.41
C ASP A 323 6.40 -6.85 -17.62
N PHE A 324 6.57 -6.12 -16.52
CA PHE A 324 5.48 -5.84 -15.58
C PHE A 324 4.40 -4.93 -16.16
N GLY A 325 4.81 -4.09 -17.11
CA GLY A 325 3.93 -3.07 -17.63
C GLY A 325 2.95 -3.43 -18.73
N THR A 326 2.92 -4.69 -19.19
CA THR A 326 1.99 -5.01 -20.24
C THR A 326 0.58 -4.82 -19.74
N GLN A 327 -0.29 -4.41 -20.63
CA GLN A 327 -1.66 -4.17 -20.24
CA GLN A 327 -1.66 -4.17 -20.24
C GLN A 327 -2.32 -5.49 -19.77
N SER A 328 -1.97 -6.62 -20.35
CA SER A 328 -2.57 -7.90 -19.94
C SER A 328 -2.15 -8.32 -18.52
N THR A 329 -0.87 -8.19 -18.20
CA THR A 329 -0.40 -8.48 -16.84
C THR A 329 -1.03 -7.51 -15.84
N THR A 330 -1.07 -6.22 -16.19
CA THR A 330 -1.59 -5.21 -15.28
C THR A 330 -3.07 -5.52 -14.99
N GLU A 331 -3.82 -5.88 -16.02
CA GLU A 331 -5.24 -6.20 -15.89
C GLU A 331 -5.48 -7.45 -15.02
N LYS A 332 -4.73 -8.54 -15.27
CA LYS A 332 -4.88 -9.78 -14.50
C LYS A 332 -4.64 -9.52 -13.03
N ILE A 333 -3.60 -8.77 -12.69
CA ILE A 333 -3.26 -8.55 -11.30
C ILE A 333 -4.33 -7.67 -10.63
N HIS A 334 -4.80 -6.63 -11.32
CA HIS A 334 -5.93 -5.85 -10.77
C HIS A 334 -7.18 -6.72 -10.57
N ASN A 335 -7.49 -7.59 -11.55
CA ASN A 335 -8.72 -8.41 -11.52
C ASN A 335 -8.68 -9.54 -10.51
N LEU A 336 -7.54 -9.70 -9.83
CA LEU A 336 -7.46 -10.62 -8.71
CA LEU A 336 -7.46 -10.61 -8.70
C LEU A 336 -8.18 -10.03 -7.50
N ILE A 337 -8.14 -8.71 -7.38
CA ILE A 337 -8.63 -8.04 -6.20
C ILE A 337 -10.12 -8.30 -5.89
N PRO A 338 -11.03 -8.28 -6.90
CA PRO A 338 -12.46 -8.50 -6.58
C PRO A 338 -12.82 -9.91 -6.12
N VAL A 339 -11.91 -10.87 -6.25
CA VAL A 339 -12.24 -12.27 -6.02
C VAL A 339 -12.78 -12.52 -4.61
N MSE A 340 -12.18 -11.89 -3.60
CA MSE A 340 -12.62 -12.06 -2.23
C MSE A 340 -13.69 -11.04 -1.82
O MSE A 340 -14.33 -11.17 -0.77
CB MSE A 340 -11.42 -11.97 -1.29
CG MSE A 340 -10.39 -13.10 -1.49
SE MSE A 340 -9.20 -13.23 0.04
CE MSE A 340 -10.43 -13.68 1.49
H MSE A 340 -11.50 -11.36 -3.69
HA MSE A 340 -12.99 -12.95 -2.13
N LEU A 341 -13.92 -10.03 -2.65
CA LEU A 341 -14.85 -8.95 -2.29
C LEU A 341 -16.25 -9.22 -2.81
N ARG A 342 -16.90 -10.16 -2.14
CA ARG A 342 -18.25 -10.62 -2.47
C ARG A 342 -18.81 -11.19 -1.20
N HIS A 343 -20.13 -11.35 -1.16
CA HIS A 343 -20.77 -11.88 0.02
C HIS A 343 -20.49 -13.38 0.00
N ARG A 344 -19.87 -13.88 1.06
CA ARG A 344 -19.65 -15.31 1.22
C ARG A 344 -20.52 -15.86 2.32
N LEU A 345 -20.78 -17.16 2.28
CA LEU A 345 -21.54 -17.77 3.35
C LEU A 345 -20.76 -17.68 4.67
N VAL A 346 -19.44 -17.78 4.58
CA VAL A 346 -18.54 -17.72 5.75
C VAL A 346 -17.52 -16.62 5.56
N PRO A 347 -17.61 -15.56 6.38
CA PRO A 347 -16.61 -14.50 6.24
C PRO A 347 -15.22 -14.99 6.60
N PRO A 348 -14.23 -14.72 5.74
CA PRO A 348 -12.88 -15.21 6.04
C PRO A 348 -12.13 -14.31 7.04
N PRO A 349 -11.01 -14.79 7.59
CA PRO A 349 -10.19 -13.96 8.48
C PRO A 349 -9.67 -12.71 7.78
N GLU A 350 -9.60 -11.63 8.56
CA GLU A 350 -9.27 -10.33 8.05
C GLU A 350 -7.91 -10.44 7.40
N GLU A 351 -7.04 -11.24 7.99
CA GLU A 351 -5.69 -11.25 7.51
C GLU A 351 -5.56 -12.00 6.18
N THR A 352 -6.59 -12.78 5.84
CA THR A 352 -6.59 -13.55 4.60
C THR A 352 -6.84 -12.58 3.43
N TYR A 353 -7.76 -11.65 3.62
CA TYR A 353 -7.94 -10.57 2.66
C TYR A 353 -6.63 -9.83 2.37
N SER A 354 -5.92 -9.49 3.44
CA SER A 354 -4.72 -8.67 3.30
C SER A 354 -3.64 -9.43 2.55
N LEU A 355 -3.46 -10.69 2.90
CA LEU A 355 -2.45 -11.51 2.23
C LEU A 355 -2.75 -11.72 0.73
N HIS A 356 -4.03 -11.80 0.38
CA HIS A 356 -4.45 -11.99 -0.99
C HIS A 356 -3.98 -10.85 -1.89
N ARG A 357 -3.97 -9.63 -1.35
CA ARG A 357 -3.63 -8.42 -2.13
C ARG A 357 -2.13 -8.06 -2.13
N LYS A 358 -1.35 -8.63 -1.22
CA LYS A 358 0.01 -8.13 -0.96
C LYS A 358 0.97 -8.20 -2.17
N MSE A 359 1.13 -9.38 -2.75
CA MSE A 359 2.13 -9.54 -3.80
CA MSE A 359 2.14 -9.52 -3.79
C MSE A 359 1.70 -8.74 -5.02
O MSE A 359 2.51 -8.07 -5.68
CB MSE A 359 2.29 -11.00 -4.17
CB MSE A 359 2.38 -10.98 -4.15
CG MSE A 359 3.35 -11.25 -5.22
CG MSE A 359 3.61 -11.13 -5.03
SE MSE A 359 5.07 -11.51 -4.36
SE MSE A 359 4.30 -12.93 -4.97
CE MSE A 359 4.71 -13.21 -3.47
CE MSE A 359 4.82 -13.06 -3.09
H MSE A 359 0.70 -10.10 -2.56
HA MSE A 359 2.98 -9.18 -3.47
N GLY A 360 0.41 -8.78 -5.33
CA GLY A 360 -0.12 -8.07 -6.46
C GLY A 360 0.11 -6.58 -6.38
N GLY A 361 -0.04 -6.01 -5.19
CA GLY A 361 0.24 -4.62 -5.00
C GLY A 361 1.67 -4.25 -5.36
N SER A 362 2.62 -5.10 -5.02
CA SER A 362 4.00 -4.86 -5.39
C SER A 362 4.22 -5.01 -6.87
N PHE A 363 3.61 -6.02 -7.50
CA PHE A 363 3.70 -6.11 -8.97
C PHE A 363 3.14 -4.85 -9.63
N LEU A 364 2.08 -4.29 -9.05
CA LEU A 364 1.45 -3.16 -9.69
C LEU A 364 2.22 -1.83 -9.61
N ILE A 365 3.02 -1.58 -8.59
CA ILE A 365 3.90 -0.40 -8.68
C ILE A 365 4.98 -0.70 -9.74
N CYS A 366 5.40 -1.95 -9.90
CA CYS A 366 6.32 -2.29 -11.01
C CYS A 366 5.68 -2.04 -12.38
N SER A 367 4.40 -2.36 -12.51
CA SER A 367 3.66 -2.08 -13.76
CA SER A 367 3.68 -2.07 -13.76
C SER A 367 3.61 -0.57 -14.01
N LYS A 368 3.25 0.18 -12.97
CA LYS A 368 3.10 1.64 -13.12
C LYS A 368 4.40 2.27 -13.60
N LEU A 369 5.52 1.80 -13.07
CA LEU A 369 6.83 2.28 -13.47
C LEU A 369 7.47 1.58 -14.66
N LYS A 370 6.69 0.76 -15.35
CA LYS A 370 7.06 0.10 -16.59
C LYS A 370 8.39 -0.63 -16.46
N ALA A 371 8.57 -1.30 -15.32
CA ALA A 371 9.79 -2.07 -15.05
C ALA A 371 9.85 -3.40 -15.82
N ARG A 372 11.08 -3.84 -16.07
CA ARG A 372 11.34 -5.11 -16.72
C ARG A 372 12.61 -5.67 -16.14
N PHE A 373 12.53 -6.86 -15.53
CA PHE A 373 13.69 -7.46 -14.90
C PHE A 373 13.42 -8.92 -14.61
N PRO A 374 14.49 -9.73 -14.48
CA PRO A 374 14.35 -11.15 -14.19
C PRO A 374 14.03 -11.41 -12.73
N CYS A 375 13.10 -12.35 -12.48
CA CYS A 375 12.58 -12.61 -11.13
C CYS A 375 12.85 -14.01 -10.57
N LYS A 376 13.38 -14.91 -11.38
CA LYS A 376 13.58 -16.24 -10.90
C LYS A 376 14.56 -16.27 -9.74
N ALA A 377 15.66 -15.54 -9.85
CA ALA A 377 16.69 -15.62 -8.82
C ALA A 377 16.15 -15.16 -7.45
N MSE A 378 15.41 -14.05 -7.40
CA MSE A 378 14.91 -13.55 -6.12
CA MSE A 378 14.89 -13.52 -6.14
C MSE A 378 13.99 -14.57 -5.47
O MSE A 378 14.02 -14.77 -4.23
CB MSE A 378 14.20 -12.21 -6.28
CB MSE A 378 14.07 -12.20 -6.35
CG MSE A 378 12.92 -12.22 -7.12
CG MSE A 378 14.70 -11.03 -7.21
SE MSE A 378 12.10 -10.46 -7.02
SE MSE A 378 13.46 -9.57 -7.89
CE MSE A 378 11.50 -10.32 -5.23
CE MSE A 378 11.92 -10.66 -8.36
H MSE A 378 15.18 -13.58 -8.09
HA MSE A 378 15.65 -13.36 -5.54
N PHE A 379 13.19 -15.27 -6.29
CA PHE A 379 12.25 -16.23 -5.73
C PHE A 379 12.96 -17.50 -5.27
N GLU A 380 13.92 -17.97 -6.04
CA GLU A 380 14.65 -19.17 -5.62
C GLU A 380 15.45 -18.92 -4.32
N GLU A 381 15.99 -17.71 -4.19
CA GLU A 381 16.69 -17.31 -2.98
C GLU A 381 15.72 -17.28 -1.81
N ALA A 382 14.58 -16.63 -2.01
CA ALA A 382 13.59 -16.52 -0.93
C ALA A 382 13.07 -17.89 -0.52
N TYR A 383 12.81 -18.76 -1.49
CA TYR A 383 12.27 -20.07 -1.22
C TYR A 383 13.29 -20.96 -0.52
N SER A 384 14.51 -20.96 -1.03
CA SER A 384 15.58 -21.70 -0.41
C SER A 384 15.80 -21.27 1.05
N ASN A 385 15.91 -19.96 1.28
CA ASN A 385 16.11 -19.42 2.62
C ASN A 385 15.00 -19.87 3.57
N TYR A 386 13.75 -19.76 3.12
CA TYR A 386 12.60 -20.17 3.92
C TYR A 386 12.66 -21.66 4.27
N CYS A 387 12.90 -22.50 3.27
CA CYS A 387 12.94 -23.95 3.47
C CYS A 387 14.01 -24.44 4.49
N LYS A 388 15.17 -23.81 4.50
CA LYS A 388 16.22 -24.14 5.48
C LYS A 388 15.71 -24.06 6.93
N ARG A 389 14.99 -22.98 7.24
CA ARG A 389 14.51 -22.78 8.61
C ARG A 389 13.37 -23.77 8.88
N GLN A 390 12.82 -24.33 7.82
CA GLN A 390 11.89 -25.46 7.94
C GLN A 390 12.66 -26.75 8.23
S SO4 B . -19.75 -19.27 -1.02
O1 SO4 B . -19.02 -20.06 -0.04
O2 SO4 B . -18.88 -19.03 -2.17
O3 SO4 B . -20.28 -18.02 -0.48
O4 SO4 B . -20.91 -20.00 -1.59
S SO4 C . 13.85 6.00 -20.70
O1 SO4 C . 14.26 7.24 -21.34
O2 SO4 C . 15.04 5.18 -20.37
O3 SO4 C . 12.98 5.24 -21.59
O4 SO4 C . 13.09 6.32 -19.49
#